data_9J0C
#
_entry.id   9J0C
#
_cell.length_a   124.040
_cell.length_b   124.040
_cell.length_c   134.570
_cell.angle_alpha   90.000
_cell.angle_beta   90.000
_cell.angle_gamma   120.000
#
_symmetry.space_group_name_H-M   'P 63 2 2'
#
loop_
_entity.id
_entity.type
_entity.pdbx_description
1 polymer 'Acyl-CoA carboxylase subunit beta'
2 water water
#
_entity_poly.entity_id   1
_entity_poly.type   'polypeptide(L)'
_entity_poly.pdbx_seq_one_letter_code
;GSHMTATENADGRTRRRLDELARRRAELAAQATERGAGRQHAKGKLTARERIDLLLDPDSFTELDALARHRCHNYGMEEQ
RPYGDGVVTGYGTIDGRKVCVYAQDFTVLGGSLGEVFGEKIIKVLDLAIRTGCPVIGINDSGGARIQEGVVSLAYYAELV
KRHVAASGVIPQISLIIGPCAGGAVYAPATTDLVVMVEDISHMFVTGPDVLQAVTGQTVGMEELGGAHRHNAVSGAAHYM
AADEKDAFDYVRMVLGHLPSNNMGDTPVFAPTAARELTEADRALDTLIPDRTAESYDMMRVVNAVIDDGELTQFHQLFAP
NVICGLARVEGHSVGVVANQPTHLAGALDIDASEKAARFIRFCDAFHVPVLTFVDVPGFLTSMEQERDGIIRRGAKLIYA
YCEATVPMVTVITRKAYGGGYGVMGSKHLGIDVNLAWPTAEIAVMGGESAVRIIHRQDIRQAEDPEETRERLVSEYTETM
CTPYVAAERGYVDAVIMPHETRAQVATALDTLRDKRMTRLPRKHGNIPL
;
_entity_poly.pdbx_strand_id   A
#
# COMPACT_ATOMS: atom_id res chain seq x y z
N MET A 4 3.62 72.90 -14.09
CA MET A 4 3.11 71.55 -13.91
C MET A 4 4.25 70.59 -13.56
N THR A 5 3.89 69.39 -13.11
CA THR A 5 4.86 68.38 -12.68
C THR A 5 4.66 67.13 -13.52
N ALA A 6 5.68 66.78 -14.31
CA ALA A 6 5.59 65.70 -15.28
C ALA A 6 4.36 65.88 -16.17
N THR A 7 3.71 64.78 -16.55
CA THR A 7 2.47 64.84 -17.32
C THR A 7 1.49 63.80 -16.78
N GLU A 8 0.29 63.80 -17.35
CA GLU A 8 -0.69 62.75 -17.12
C GLU A 8 -0.87 61.96 -18.41
N ASN A 9 -1.29 60.70 -18.28
CA ASN A 9 -1.38 59.79 -19.42
C ASN A 9 -2.80 59.47 -19.84
N ALA A 10 -3.71 59.33 -18.88
CA ALA A 10 -5.09 58.87 -19.11
C ALA A 10 -5.08 57.41 -19.56
N ASP A 11 -3.89 56.79 -19.61
CA ASP A 11 -3.76 55.39 -19.98
C ASP A 11 -4.66 54.53 -19.13
N GLY A 12 -5.05 53.37 -19.62
CA GLY A 12 -5.58 52.35 -18.74
C GLY A 12 -4.63 51.19 -18.71
N ARG A 13 -3.33 51.50 -18.70
CA ARG A 13 -2.30 50.49 -18.91
C ARG A 13 -2.36 49.40 -17.85
N THR A 14 -2.43 49.79 -16.57
CA THR A 14 -2.45 48.81 -15.50
C THR A 14 -3.71 47.97 -15.56
N ARG A 15 -4.87 48.59 -15.80
CA ARG A 15 -6.11 47.83 -15.94
C ARG A 15 -6.01 46.83 -17.09
N ARG A 16 -5.40 47.24 -18.21
CA ARG A 16 -5.28 46.32 -19.33
C ARG A 16 -4.37 45.15 -18.98
N ARG A 17 -3.38 45.36 -18.12
CA ARG A 17 -2.56 44.23 -17.68
C ARG A 17 -3.37 43.26 -16.83
N LEU A 18 -4.18 43.77 -15.91
CA LEU A 18 -5.02 42.86 -15.13
C LEU A 18 -6.03 42.14 -16.03
N ASP A 19 -6.59 42.85 -17.01
CA ASP A 19 -7.54 42.23 -17.94
C ASP A 19 -6.87 41.11 -18.74
N GLU A 20 -5.59 41.27 -19.06
CA GLU A 20 -4.89 40.24 -19.82
C GLU A 20 -4.66 38.99 -18.98
N LEU A 21 -4.31 39.14 -17.69
CA LEU A 21 -4.28 37.96 -16.83
C LEU A 21 -5.65 37.28 -16.78
N ALA A 22 -6.71 38.08 -16.63
CA ALA A 22 -8.05 37.50 -16.63
C ALA A 22 -8.32 36.74 -17.93
N ARG A 23 -7.87 37.29 -19.06
CA ARG A 23 -8.08 36.64 -20.35
C ARG A 23 -7.37 35.29 -20.39
N ARG A 24 -6.13 35.25 -19.95
CA ARG A 24 -5.37 34.00 -19.93
C ARG A 24 -5.99 32.98 -18.97
N ARG A 25 -6.50 33.46 -17.83
CA ARG A 25 -7.20 32.56 -16.90
C ARG A 25 -8.48 32.02 -17.49
N ALA A 26 -9.18 32.83 -18.29
CA ALA A 26 -10.41 32.34 -18.92
C ALA A 26 -10.11 31.31 -19.99
N GLU A 27 -8.98 31.43 -20.70
CA GLU A 27 -8.57 30.39 -21.62
C GLU A 27 -8.42 29.06 -20.89
N LEU A 28 -7.71 29.06 -19.75
CA LEU A 28 -7.54 27.84 -18.98
C LEU A 28 -8.89 27.28 -18.55
N ALA A 29 -9.78 28.14 -18.07
CA ALA A 29 -11.03 27.67 -17.48
C ALA A 29 -11.99 27.12 -18.54
N ALA A 30 -11.96 27.68 -19.75
CA ALA A 30 -12.86 27.22 -20.80
C ALA A 30 -12.55 25.80 -21.24
N GLN A 31 -11.30 25.36 -21.05
CA GLN A 31 -10.91 24.01 -21.45
C GLN A 31 -11.74 22.93 -20.78
N ALA A 32 -12.38 23.23 -19.64
CA ALA A 32 -13.19 22.23 -18.96
C ALA A 32 -14.40 21.80 -19.80
N THR A 33 -14.83 22.62 -20.76
CA THR A 33 -15.99 22.28 -21.59
C THR A 33 -15.63 22.20 -23.06
N GLU A 34 -14.34 22.11 -23.38
CA GLU A 34 -13.91 21.99 -24.77
C GLU A 34 -13.85 20.52 -25.17
N ARG A 35 -13.35 20.25 -26.38
CA ARG A 35 -13.53 18.93 -26.98
C ARG A 35 -12.66 17.87 -26.33
N GLY A 36 -11.48 18.25 -25.84
CA GLY A 36 -10.64 17.28 -25.15
C GLY A 36 -11.30 16.74 -23.89
N ALA A 37 -11.86 17.64 -23.07
CA ALA A 37 -12.60 17.19 -21.90
C ALA A 37 -13.80 16.33 -22.29
N GLY A 38 -14.44 16.64 -23.42
CA GLY A 38 -15.56 15.83 -23.86
C GLY A 38 -15.15 14.41 -24.22
N ARG A 39 -14.01 14.26 -24.90
CA ARG A 39 -13.54 12.91 -25.24
C ARG A 39 -13.12 12.14 -24.00
N GLN A 40 -12.50 12.83 -23.03
CA GLN A 40 -12.17 12.19 -21.76
C GLN A 40 -13.43 11.68 -21.06
N HIS A 41 -14.46 12.53 -20.94
CA HIS A 41 -15.69 12.10 -20.31
C HIS A 41 -16.37 10.99 -21.12
N ALA A 42 -16.22 11.03 -22.45
CA ALA A 42 -16.81 9.99 -23.30
C ALA A 42 -16.19 8.63 -23.02
N LYS A 43 -14.96 8.60 -22.51
CA LYS A 43 -14.30 7.36 -22.12
C LYS A 43 -14.60 6.95 -20.68
N GLY A 44 -15.49 7.66 -20.00
CA GLY A 44 -15.80 7.31 -18.63
C GLY A 44 -14.77 7.78 -17.61
N LYS A 45 -14.03 8.85 -17.94
CA LYS A 45 -12.91 9.34 -17.14
C LYS A 45 -13.14 10.78 -16.73
N LEU A 46 -12.74 11.12 -15.49
CA LEU A 46 -12.68 12.51 -15.08
C LEU A 46 -11.43 13.18 -15.63
N THR A 47 -11.46 14.52 -15.73
CA THR A 47 -10.26 15.24 -16.11
C THR A 47 -9.30 15.37 -14.92
N ALA A 48 -8.07 15.77 -15.24
CA ALA A 48 -7.07 15.99 -14.19
C ALA A 48 -7.55 16.97 -13.14
N ARG A 49 -8.14 18.08 -13.56
CA ARG A 49 -8.60 19.08 -12.60
C ARG A 49 -9.80 18.59 -11.80
N GLU A 50 -10.70 17.83 -12.44
CA GLU A 50 -11.80 17.23 -11.71
C GLU A 50 -11.29 16.25 -10.66
N ARG A 51 -10.22 15.52 -10.99
CA ARG A 51 -9.66 14.55 -10.06
C ARG A 51 -9.06 15.23 -8.85
N ILE A 52 -8.28 16.29 -9.07
CA ILE A 52 -7.69 17.03 -7.96
C ILE A 52 -8.78 17.64 -7.09
N ASP A 53 -9.79 18.25 -7.71
CA ASP A 53 -10.87 18.86 -6.93
C ASP A 53 -11.58 17.83 -6.08
N LEU A 54 -11.76 16.62 -6.61
CA LEU A 54 -12.48 15.58 -5.87
C LEU A 54 -11.64 15.02 -4.73
N LEU A 55 -10.34 14.83 -4.96
CA LEU A 55 -9.47 14.22 -3.96
C LEU A 55 -9.22 15.16 -2.79
N LEU A 56 -8.92 16.43 -3.07
CA LEU A 56 -8.53 17.36 -2.03
C LEU A 56 -9.74 17.94 -1.30
N ASP A 57 -9.50 18.45 -0.10
CA ASP A 57 -10.53 19.17 0.64
C ASP A 57 -11.08 20.30 -0.21
N PRO A 58 -12.37 20.60 -0.11
CA PRO A 58 -12.95 21.69 -0.92
C PRO A 58 -12.17 22.99 -0.80
N ASP A 59 -11.94 23.63 -1.96
CA ASP A 59 -11.32 24.94 -2.08
C ASP A 59 -9.89 24.98 -1.55
N SER A 60 -9.21 23.84 -1.38
CA SER A 60 -7.88 23.83 -0.78
C SER A 60 -6.74 23.78 -1.80
N PHE A 61 -7.03 23.59 -3.08
CA PHE A 61 -5.98 23.45 -4.08
C PHE A 61 -5.37 24.79 -4.45
N THR A 62 -4.04 24.87 -4.37
CA THR A 62 -3.26 25.97 -4.93
C THR A 62 -2.39 25.40 -6.04
N GLU A 63 -2.54 25.95 -7.24
CA GLU A 63 -1.82 25.44 -8.41
C GLU A 63 -0.44 26.07 -8.55
N LEU A 64 0.52 25.27 -9.02
CA LEU A 64 1.85 25.72 -9.41
C LEU A 64 1.98 25.66 -10.93
N ASP A 65 2.70 26.61 -11.52
CA ASP A 65 3.13 26.50 -12.92
C ASP A 65 1.97 26.33 -13.90
N ALA A 66 0.85 26.99 -13.61
CA ALA A 66 -0.32 26.84 -14.48
C ALA A 66 -0.04 27.35 -15.89
N LEU A 67 0.79 28.38 -16.02
CA LEU A 67 1.10 28.97 -17.32
C LEU A 67 2.45 28.53 -17.86
N ALA A 68 3.04 27.46 -17.31
CA ALA A 68 4.27 26.93 -17.86
C ALA A 68 4.06 26.50 -19.30
N ARG A 69 5.10 26.66 -20.11
CA ARG A 69 4.95 26.36 -21.53
C ARG A 69 6.32 26.10 -22.15
N HIS A 70 6.36 25.08 -23.02
CA HIS A 70 7.58 24.75 -23.76
C HIS A 70 7.95 25.87 -24.73
N ARG A 71 9.24 25.95 -25.04
CA ARG A 71 9.71 26.89 -26.06
C ARG A 71 10.06 26.16 -27.35
N GLN A 80 2.26 24.49 -31.98
CA GLN A 80 1.28 24.44 -30.89
C GLN A 80 1.95 24.25 -29.54
N ARG A 81 1.73 25.20 -28.63
CA ARG A 81 2.26 25.13 -27.28
C ARG A 81 1.15 25.52 -26.31
N PRO A 82 0.54 24.56 -25.63
CA PRO A 82 -0.53 24.88 -24.67
C PRO A 82 -0.02 25.06 -23.25
N TYR A 83 -0.74 25.90 -22.51
CA TYR A 83 -0.39 26.16 -21.11
C TYR A 83 -0.41 24.88 -20.29
N GLY A 84 0.55 24.75 -19.38
CA GLY A 84 0.59 23.68 -18.41
C GLY A 84 1.40 22.47 -18.82
N ASP A 85 1.65 22.29 -20.12
CA ASP A 85 2.46 21.20 -20.69
C ASP A 85 2.02 19.82 -20.21
N GLY A 86 0.71 19.64 -20.03
CA GLY A 86 0.16 18.31 -19.89
C GLY A 86 0.12 17.72 -18.50
N VAL A 87 0.34 18.52 -17.45
CA VAL A 87 0.20 18.03 -16.09
C VAL A 87 -0.29 19.19 -15.22
N VAL A 88 -1.16 18.89 -14.26
CA VAL A 88 -1.62 19.86 -13.28
C VAL A 88 -0.91 19.55 -11.96
N THR A 89 -0.22 20.54 -11.40
CA THR A 89 0.55 20.33 -10.17
C THR A 89 0.18 21.35 -9.11
N GLY A 90 0.36 20.97 -7.85
CA GLY A 90 0.14 21.94 -6.78
C GLY A 90 0.05 21.25 -5.42
N TYR A 91 -0.62 21.92 -4.49
CA TYR A 91 -0.69 21.42 -3.13
C TYR A 91 -2.04 21.79 -2.53
N GLY A 92 -2.41 21.13 -1.44
CA GLY A 92 -3.70 21.34 -0.81
C GLY A 92 -3.78 20.59 0.50
N THR A 93 -4.97 20.24 0.95
CA THR A 93 -5.12 19.46 2.18
C THR A 93 -6.04 18.27 1.94
N ILE A 94 -5.81 17.22 2.72
CA ILE A 94 -6.70 16.08 2.84
C ILE A 94 -7.01 15.90 4.32
N ASP A 95 -8.30 16.04 4.68
CA ASP A 95 -8.71 16.01 6.09
C ASP A 95 -7.90 17.02 6.91
N GLY A 96 -7.66 18.19 6.31
CA GLY A 96 -6.96 19.29 6.95
C GLY A 96 -5.45 19.16 7.01
N ARG A 97 -4.89 18.07 6.48
CA ARG A 97 -3.46 17.81 6.54
C ARG A 97 -2.83 18.10 5.19
N LYS A 98 -1.62 18.67 5.20
CA LYS A 98 -0.97 19.12 3.96
C LYS A 98 -0.53 17.95 3.08
N VAL A 99 -0.76 18.08 1.76
CA VAL A 99 -0.27 17.13 0.77
C VAL A 99 0.13 17.89 -0.50
N CYS A 100 0.89 17.21 -1.36
CA CYS A 100 1.20 17.70 -2.70
C CYS A 100 0.62 16.73 -3.73
N VAL A 101 0.30 17.25 -4.92
CA VAL A 101 -0.36 16.44 -5.95
C VAL A 101 0.16 16.78 -7.34
N TYR A 102 0.22 15.76 -8.20
CA TYR A 102 0.37 15.99 -9.64
C TYR A 102 -0.59 15.07 -10.38
N ALA A 103 -1.25 15.61 -11.40
CA ALA A 103 -2.23 14.84 -12.17
C ALA A 103 -1.94 15.01 -13.65
N GLN A 104 -1.59 13.92 -14.33
CA GLN A 104 -1.35 13.97 -15.77
C GLN A 104 -2.63 14.33 -16.51
N ASP A 105 -2.51 15.18 -17.54
CA ASP A 105 -3.69 15.67 -18.24
C ASP A 105 -3.74 15.04 -19.63
N PHE A 106 -4.58 14.01 -19.77
CA PHE A 106 -4.75 13.26 -21.01
C PHE A 106 -5.31 14.12 -22.14
N THR A 107 -5.92 15.27 -21.82
CA THR A 107 -6.56 16.12 -22.82
C THR A 107 -5.63 17.15 -23.43
N VAL A 108 -4.38 17.20 -23.01
CA VAL A 108 -3.40 18.16 -23.52
C VAL A 108 -2.19 17.37 -23.98
N LEU A 109 -2.01 17.25 -25.30
CA LEU A 109 -0.89 16.51 -25.90
C LEU A 109 -0.83 15.07 -25.37
N GLY A 110 -2.00 14.49 -25.07
CA GLY A 110 -2.07 13.16 -24.49
C GLY A 110 -1.44 12.99 -23.14
N GLY A 111 -1.09 14.09 -22.45
CA GLY A 111 -0.35 13.97 -21.21
C GLY A 111 1.05 13.42 -21.37
N SER A 112 1.64 13.53 -22.55
CA SER A 112 2.94 12.93 -22.82
C SER A 112 4.04 13.72 -22.12
N LEU A 113 5.07 13.00 -21.66
CA LEU A 113 6.11 13.59 -20.81
C LEU A 113 7.11 14.35 -21.67
N GLY A 114 7.18 15.66 -21.46
CA GLY A 114 8.21 16.49 -22.08
C GLY A 114 9.09 17.15 -21.04
N GLU A 115 9.87 18.15 -21.47
CA GLU A 115 10.80 18.81 -20.55
C GLU A 115 10.06 19.64 -19.51
N VAL A 116 9.06 20.40 -19.93
CA VAL A 116 8.34 21.26 -19.00
C VAL A 116 7.44 20.42 -18.09
N PHE A 117 6.75 19.44 -18.66
CA PHE A 117 6.00 18.44 -17.90
C PHE A 117 6.86 17.85 -16.78
N GLY A 118 8.06 17.40 -17.13
CA GLY A 118 8.94 16.83 -16.12
C GLY A 118 9.35 17.82 -15.05
N GLU A 119 9.71 19.05 -15.45
CA GLU A 119 10.16 20.04 -14.47
C GLU A 119 9.03 20.41 -13.50
N LYS A 120 7.79 20.43 -13.98
CA LYS A 120 6.66 20.72 -13.09
C LYS A 120 6.53 19.65 -12.01
N ILE A 121 6.69 18.38 -12.38
CA ILE A 121 6.54 17.32 -11.39
C ILE A 121 7.73 17.30 -10.44
N ILE A 122 8.94 17.55 -10.96
CA ILE A 122 10.11 17.67 -10.10
C ILE A 122 9.88 18.75 -9.04
N LYS A 123 9.31 19.90 -9.45
CA LYS A 123 9.08 20.98 -8.48
C LYS A 123 8.17 20.52 -7.34
N VAL A 124 7.08 19.81 -7.66
CA VAL A 124 6.15 19.47 -6.59
C VAL A 124 6.68 18.30 -5.75
N LEU A 125 7.42 17.36 -6.35
CA LEU A 125 8.07 16.32 -5.56
C LEU A 125 9.08 16.91 -4.58
N ASP A 126 9.93 17.82 -5.06
CA ASP A 126 10.91 18.47 -4.18
C ASP A 126 10.22 19.23 -3.05
N LEU A 127 9.07 19.85 -3.35
CA LEU A 127 8.35 20.58 -2.31
C LEU A 127 7.85 19.65 -1.22
N ALA A 128 7.27 18.51 -1.62
CA ALA A 128 6.77 17.54 -0.64
C ALA A 128 7.91 17.00 0.21
N ILE A 129 9.05 16.72 -0.42
CA ILE A 129 10.18 16.18 0.33
C ILE A 129 10.68 17.21 1.35
N ARG A 130 10.93 18.45 0.92
CA ARG A 130 11.56 19.36 1.88
C ARG A 130 10.59 19.93 2.90
N THR A 131 9.27 19.89 2.66
CA THR A 131 8.32 20.29 3.69
C THR A 131 7.72 19.10 4.44
N GLY A 132 8.12 17.88 4.09
CA GLY A 132 7.70 16.69 4.81
C GLY A 132 6.21 16.40 4.78
N CYS A 133 5.61 16.37 3.59
CA CYS A 133 4.22 15.96 3.44
C CYS A 133 4.09 14.88 2.37
N PRO A 134 2.99 14.13 2.40
CA PRO A 134 2.77 13.10 1.37
C PRO A 134 2.63 13.70 -0.03
N VAL A 135 2.92 12.88 -1.04
CA VAL A 135 2.73 13.28 -2.42
C VAL A 135 1.86 12.22 -3.12
N ILE A 136 0.91 12.69 -3.91
CA ILE A 136 -0.04 11.83 -4.63
C ILE A 136 0.06 12.14 -6.12
N GLY A 137 0.37 11.13 -6.92
CA GLY A 137 0.44 11.27 -8.37
C GLY A 137 -0.73 10.57 -9.03
N ILE A 138 -1.30 11.20 -10.06
CA ILE A 138 -2.46 10.64 -10.76
C ILE A 138 -2.08 10.48 -12.22
N ASN A 139 -1.86 9.23 -12.64
CA ASN A 139 -1.29 8.91 -13.95
C ASN A 139 -2.38 8.57 -14.96
N ASP A 140 -2.20 9.04 -16.19
CA ASP A 140 -3.16 8.95 -17.28
C ASP A 140 -2.54 9.59 -18.53
N SER A 141 -1.83 8.82 -19.35
CA SER A 141 -1.01 9.44 -20.40
C SER A 141 -0.65 8.47 -21.51
N GLY A 142 -0.55 9.02 -22.72
CA GLY A 142 -0.26 8.27 -23.93
C GLY A 142 1.18 7.88 -24.18
N GLY A 143 2.12 8.22 -23.28
CA GLY A 143 3.49 7.78 -23.41
C GLY A 143 4.46 8.96 -23.46
N ALA A 144 5.57 8.75 -24.16
CA ALA A 144 6.63 9.75 -24.25
C ALA A 144 6.31 10.77 -25.34
N ARG A 145 6.68 12.03 -25.09
CA ARG A 145 6.63 13.04 -26.12
C ARG A 145 7.76 12.75 -27.12
N ILE A 146 7.44 11.99 -28.17
CA ILE A 146 8.47 11.47 -29.08
C ILE A 146 9.26 12.61 -29.72
N GLN A 147 8.65 13.79 -29.87
CA GLN A 147 9.33 14.90 -30.51
C GLN A 147 10.54 15.39 -29.72
N GLU A 148 10.49 15.28 -28.38
CA GLU A 148 11.63 15.68 -27.56
C GLU A 148 12.68 14.58 -27.45
N GLY A 149 12.35 13.35 -27.87
CA GLY A 149 13.36 12.31 -28.00
C GLY A 149 13.93 11.89 -26.66
N VAL A 150 15.27 11.92 -26.57
CA VAL A 150 15.95 11.49 -25.37
C VAL A 150 15.63 12.41 -24.18
N VAL A 151 15.15 13.63 -24.44
CA VAL A 151 14.78 14.52 -23.34
C VAL A 151 13.65 13.90 -22.53
N SER A 152 12.71 13.26 -23.21
CA SER A 152 11.62 12.59 -22.51
C SER A 152 12.15 11.46 -21.63
N LEU A 153 13.04 10.63 -22.18
CA LEU A 153 13.65 9.56 -21.39
C LEU A 153 14.37 10.12 -20.17
N ALA A 154 15.06 11.24 -20.33
CA ALA A 154 15.77 11.87 -19.23
C ALA A 154 14.83 12.21 -18.07
N TYR A 155 13.67 12.78 -18.38
CA TYR A 155 12.82 13.25 -17.29
C TYR A 155 12.06 12.11 -16.62
N TYR A 156 11.69 11.05 -17.35
CA TYR A 156 11.16 9.86 -16.69
C TYR A 156 12.12 9.35 -15.63
N ALA A 157 13.41 9.31 -15.97
CA ALA A 157 14.41 8.82 -15.03
C ALA A 157 14.61 9.79 -13.87
N GLU A 158 14.63 11.10 -14.16
CA GLU A 158 14.74 12.10 -13.10
C GLU A 158 13.61 11.97 -12.08
N LEU A 159 12.40 11.63 -12.53
CA LEU A 159 11.29 11.47 -11.61
C LEU A 159 11.49 10.28 -10.70
N VAL A 160 11.89 9.13 -11.27
CA VAL A 160 12.17 7.97 -10.43
C VAL A 160 13.25 8.29 -9.40
N LYS A 161 14.27 9.06 -9.79
CA LYS A 161 15.32 9.43 -8.84
C LYS A 161 14.75 10.13 -7.62
N ARG A 162 13.77 11.02 -7.83
CA ARG A 162 13.11 11.70 -6.72
C ARG A 162 12.28 10.72 -5.89
N HIS A 163 11.57 9.79 -6.53
CA HIS A 163 10.79 8.83 -5.76
C HIS A 163 11.69 7.97 -4.89
N VAL A 164 12.87 7.60 -5.39
CA VAL A 164 13.80 6.82 -4.58
C VAL A 164 14.34 7.67 -3.42
N ALA A 165 14.65 8.94 -3.69
CA ALA A 165 15.11 9.82 -2.62
C ALA A 165 14.07 9.94 -1.52
N ALA A 166 12.79 9.89 -1.88
CA ALA A 166 11.70 10.07 -0.94
C ALA A 166 11.26 8.77 -0.28
N SER A 167 11.80 7.63 -0.72
CA SER A 167 11.31 6.34 -0.26
C SER A 167 11.60 6.14 1.23
N GLY A 168 10.55 5.97 2.03
CA GLY A 168 10.70 5.90 3.47
C GLY A 168 10.91 7.24 4.13
N VAL A 169 10.75 8.33 3.40
CA VAL A 169 10.90 9.69 3.93
C VAL A 169 9.53 10.36 4.03
N ILE A 170 8.77 10.37 2.93
CA ILE A 170 7.38 10.83 2.92
C ILE A 170 6.53 9.73 2.28
N PRO A 171 5.27 9.55 2.69
CA PRO A 171 4.41 8.59 2.00
C PRO A 171 4.19 9.02 0.55
N GLN A 172 4.26 8.05 -0.36
CA GLN A 172 4.12 8.30 -1.79
C GLN A 172 3.03 7.41 -2.36
N ILE A 173 1.98 8.01 -2.93
CA ILE A 173 0.84 7.26 -3.46
C ILE A 173 0.73 7.54 -4.95
N SER A 174 0.47 6.49 -5.74
CA SER A 174 0.25 6.62 -7.17
C SER A 174 -1.12 6.07 -7.52
N LEU A 175 -1.91 6.85 -8.25
CA LEU A 175 -3.14 6.37 -8.86
C LEU A 175 -2.93 6.20 -10.36
N ILE A 176 -3.44 5.10 -10.91
CA ILE A 176 -3.45 4.88 -12.35
C ILE A 176 -4.90 4.94 -12.80
N ILE A 177 -5.24 5.95 -13.60
CA ILE A 177 -6.63 6.14 -14.00
C ILE A 177 -6.67 6.43 -15.50
N GLY A 178 -5.94 5.60 -16.25
CA GLY A 178 -5.76 5.74 -17.67
C GLY A 178 -4.58 4.89 -18.05
N PRO A 179 -3.99 5.10 -19.22
CA PRO A 179 -2.81 4.32 -19.62
C PRO A 179 -1.56 4.77 -18.87
N CYS A 180 -0.66 3.80 -18.65
CA CYS A 180 0.67 4.07 -18.12
C CYS A 180 1.58 2.99 -18.69
N ALA A 181 2.49 3.34 -19.59
CA ALA A 181 3.19 2.32 -20.37
C ALA A 181 4.66 2.67 -20.52
N GLY A 182 5.46 1.62 -20.77
CA GLY A 182 6.88 1.79 -20.97
C GLY A 182 7.63 1.91 -19.66
N GLY A 183 8.87 2.41 -19.75
CA GLY A 183 9.67 2.62 -18.56
C GLY A 183 9.02 3.53 -17.54
N ALA A 184 8.08 4.37 -17.99
CA ALA A 184 7.33 5.26 -17.10
C ALA A 184 6.67 4.52 -15.93
N VAL A 185 6.40 3.23 -16.09
CA VAL A 185 5.76 2.47 -15.03
C VAL A 185 6.65 2.37 -13.79
N TYR A 186 7.96 2.57 -13.94
CA TYR A 186 8.83 2.44 -12.77
C TYR A 186 8.65 3.59 -11.79
N ALA A 187 8.06 4.71 -12.22
CA ALA A 187 7.79 5.76 -11.23
C ALA A 187 6.70 5.31 -10.26
N PRO A 188 5.51 4.90 -10.69
CA PRO A 188 4.57 4.35 -9.71
C PRO A 188 5.11 3.14 -8.96
N ALA A 189 5.93 2.31 -9.63
CA ALA A 189 6.46 1.13 -8.97
C ALA A 189 7.34 1.48 -7.78
N THR A 190 8.00 2.64 -7.80
CA THR A 190 8.86 3.00 -6.68
C THR A 190 8.13 3.79 -5.60
N THR A 191 6.86 4.14 -5.80
CA THR A 191 6.07 4.71 -4.71
C THR A 191 5.56 3.58 -3.81
N ASP A 192 4.85 3.95 -2.74
CA ASP A 192 4.49 2.99 -1.71
C ASP A 192 3.18 2.28 -1.96
N LEU A 193 2.31 2.84 -2.80
CA LEU A 193 0.95 2.35 -2.93
C LEU A 193 0.47 2.71 -4.32
N VAL A 194 0.06 1.70 -5.09
CA VAL A 194 -0.40 1.91 -6.47
C VAL A 194 -1.88 1.52 -6.54
N VAL A 195 -2.73 2.48 -6.87
CA VAL A 195 -4.18 2.30 -6.92
C VAL A 195 -4.61 2.33 -8.38
N MET A 196 -5.35 1.30 -8.81
CA MET A 196 -5.87 1.28 -10.18
C MET A 196 -7.40 1.23 -10.15
N VAL A 197 -8.02 1.86 -11.15
CA VAL A 197 -9.48 1.89 -11.27
C VAL A 197 -9.91 0.88 -12.34
N GLU A 198 -10.91 0.07 -12.02
CA GLU A 198 -11.36 -1.00 -12.90
C GLU A 198 -11.73 -0.49 -14.29
N ASP A 199 -11.28 -1.22 -15.31
CA ASP A 199 -11.66 -1.07 -16.71
C ASP A 199 -11.07 0.15 -17.41
N ILE A 200 -10.87 1.27 -16.69
CA ILE A 200 -10.40 2.48 -17.35
C ILE A 200 -8.90 2.69 -17.20
N SER A 201 -8.19 1.85 -16.45
CA SER A 201 -6.75 2.00 -16.31
C SER A 201 -6.03 0.76 -16.80
N HIS A 202 -4.82 0.96 -17.30
CA HIS A 202 -3.99 -0.13 -17.81
C HIS A 202 -2.53 0.25 -17.63
N MET A 203 -1.69 -0.74 -17.34
CA MET A 203 -0.28 -0.53 -17.08
C MET A 203 0.51 -1.70 -17.66
N PHE A 204 1.59 -1.41 -18.38
CA PHE A 204 2.49 -2.48 -18.84
C PHE A 204 3.79 -1.88 -19.36
N VAL A 205 4.86 -2.66 -19.24
CA VAL A 205 6.14 -2.25 -19.81
C VAL A 205 6.09 -2.36 -21.32
N THR A 206 5.61 -3.50 -21.84
CA THR A 206 5.56 -3.80 -23.27
C THR A 206 4.11 -3.98 -23.67
N GLY A 207 3.65 -3.19 -24.64
CA GLY A 207 2.25 -3.18 -25.05
C GLY A 207 1.88 -4.36 -25.93
N PRO A 208 0.57 -4.51 -26.19
CA PRO A 208 0.10 -5.71 -26.92
C PRO A 208 0.53 -5.75 -28.37
N ASP A 209 0.78 -4.61 -29.00
CA ASP A 209 1.19 -4.63 -30.40
C ASP A 209 2.60 -5.19 -30.55
N VAL A 210 3.54 -4.72 -29.74
CA VAL A 210 4.88 -5.30 -29.73
C VAL A 210 4.82 -6.77 -29.35
N LEU A 211 3.98 -7.09 -28.36
CA LEU A 211 3.83 -8.47 -27.92
C LEU A 211 3.42 -9.37 -29.07
N GLN A 212 2.43 -8.92 -29.86
CA GLN A 212 1.97 -9.72 -30.99
C GLN A 212 3.03 -9.79 -32.08
N ALA A 213 3.70 -8.67 -32.36
CA ALA A 213 4.74 -8.68 -33.38
C ALA A 213 5.87 -9.64 -33.04
N VAL A 214 6.19 -9.78 -31.75
CA VAL A 214 7.30 -10.64 -31.32
C VAL A 214 6.85 -12.08 -31.11
N THR A 215 5.78 -12.29 -30.34
CA THR A 215 5.37 -13.64 -29.98
C THR A 215 4.28 -14.21 -30.87
N GLY A 216 3.64 -13.40 -31.72
CA GLY A 216 2.54 -13.89 -32.52
C GLY A 216 1.28 -14.20 -31.75
N GLN A 217 1.22 -13.85 -30.47
CA GLN A 217 0.05 -14.08 -29.64
C GLN A 217 -0.72 -12.79 -29.45
N THR A 218 -2.04 -12.89 -29.42
CA THR A 218 -2.93 -11.74 -29.26
C THR A 218 -3.42 -11.69 -27.81
N VAL A 219 -3.17 -10.58 -27.13
CA VAL A 219 -3.66 -10.34 -25.79
C VAL A 219 -4.27 -8.94 -25.76
N GLY A 220 -5.46 -8.83 -25.18
CA GLY A 220 -6.06 -7.53 -25.01
C GLY A 220 -5.41 -6.74 -23.89
N MET A 221 -5.62 -5.42 -23.92
CA MET A 221 -5.00 -4.56 -22.93
C MET A 221 -5.48 -4.88 -21.51
N GLU A 222 -6.77 -5.19 -21.37
CA GLU A 222 -7.29 -5.53 -20.06
C GLU A 222 -6.67 -6.82 -19.53
N GLU A 223 -6.51 -7.82 -20.40
CA GLU A 223 -5.92 -9.08 -20.00
C GLU A 223 -4.44 -8.93 -19.68
N LEU A 224 -3.74 -8.06 -20.43
CA LEU A 224 -2.31 -7.88 -20.24
C LEU A 224 -1.99 -7.04 -19.02
N GLY A 225 -2.74 -5.95 -18.81
CA GLY A 225 -2.35 -4.99 -17.80
C GLY A 225 -3.47 -4.21 -17.15
N GLY A 226 -4.67 -4.78 -17.08
CA GLY A 226 -5.78 -4.12 -16.43
C GLY A 226 -5.65 -4.12 -14.91
N ALA A 227 -6.61 -3.45 -14.27
CA ALA A 227 -6.56 -3.31 -12.82
C ALA A 227 -6.64 -4.65 -12.10
N HIS A 228 -7.55 -5.53 -12.52
CA HIS A 228 -7.62 -6.81 -11.83
C HIS A 228 -6.35 -7.62 -12.03
N ARG A 229 -5.78 -7.58 -13.23
CA ARG A 229 -4.56 -8.32 -13.51
C ARG A 229 -3.43 -7.94 -12.56
N HIS A 230 -3.22 -6.64 -12.36
CA HIS A 230 -2.11 -6.22 -11.50
C HIS A 230 -2.43 -6.37 -10.03
N ASN A 231 -3.71 -6.28 -9.65
CA ASN A 231 -4.07 -6.44 -8.25
C ASN A 231 -4.08 -7.90 -7.83
N ALA A 232 -4.31 -8.84 -8.76
CA ALA A 232 -4.44 -10.23 -8.36
C ALA A 232 -3.29 -11.11 -8.80
N VAL A 233 -2.56 -10.74 -9.86
CA VAL A 233 -1.57 -11.65 -10.42
C VAL A 233 -0.16 -11.07 -10.31
N SER A 234 0.08 -9.90 -10.91
CA SER A 234 1.45 -9.38 -10.96
C SER A 234 1.88 -8.75 -9.64
N GLY A 235 0.93 -8.29 -8.83
CA GLY A 235 1.25 -7.60 -7.61
C GLY A 235 1.68 -6.17 -7.77
N ALA A 236 1.65 -5.62 -8.98
CA ALA A 236 2.10 -4.24 -9.18
C ALA A 236 1.12 -3.20 -8.68
N ALA A 237 -0.13 -3.58 -8.38
CA ALA A 237 -1.11 -2.65 -7.81
C ALA A 237 -1.62 -3.18 -6.48
N HIS A 238 -1.95 -2.26 -5.57
CA HIS A 238 -2.32 -2.58 -4.21
C HIS A 238 -3.81 -2.43 -3.91
N TYR A 239 -4.58 -1.82 -4.79
CA TYR A 239 -6.02 -1.67 -4.60
C TYR A 239 -6.65 -1.61 -5.98
N MET A 240 -7.80 -2.27 -6.12
CA MET A 240 -8.61 -2.21 -7.34
C MET A 240 -9.88 -1.44 -6.99
N ALA A 241 -9.96 -0.19 -7.42
CA ALA A 241 -11.10 0.67 -7.12
C ALA A 241 -12.20 0.49 -8.15
N ALA A 242 -13.45 0.51 -7.67
CA ALA A 242 -14.59 0.29 -8.57
C ALA A 242 -14.84 1.50 -9.46
N ASP A 243 -14.47 2.69 -8.97
CA ASP A 243 -14.63 3.94 -9.72
C ASP A 243 -13.66 4.95 -9.11
N GLU A 244 -13.63 6.15 -9.69
CA GLU A 244 -12.65 7.14 -9.25
C GLU A 244 -12.95 7.62 -7.83
N LYS A 245 -14.23 7.80 -7.49
CA LYS A 245 -14.57 8.22 -6.13
C LYS A 245 -14.05 7.24 -5.10
N ASP A 246 -14.21 5.94 -5.35
CA ASP A 246 -13.73 4.93 -4.44
C ASP A 246 -12.20 4.99 -4.32
N ALA A 247 -11.51 5.19 -5.45
CA ALA A 247 -10.04 5.30 -5.41
C ALA A 247 -9.60 6.44 -4.50
N PHE A 248 -10.25 7.59 -4.61
CA PHE A 248 -9.86 8.72 -3.79
C PHE A 248 -10.26 8.51 -2.33
N ASP A 249 -11.43 7.90 -2.08
CA ASP A 249 -11.78 7.56 -0.69
C ASP A 249 -10.72 6.66 -0.08
N TYR A 250 -10.23 5.68 -0.83
CA TYR A 250 -9.21 4.77 -0.32
C TYR A 250 -7.94 5.54 0.03
N VAL A 251 -7.51 6.43 -0.87
CA VAL A 251 -6.29 7.21 -0.62
C VAL A 251 -6.44 8.02 0.67
N ARG A 252 -7.58 8.70 0.85
CA ARG A 252 -7.78 9.49 2.06
C ARG A 252 -7.75 8.61 3.31
N MET A 253 -8.33 7.41 3.22
CA MET A 253 -8.34 6.50 4.36
C MET A 253 -6.93 6.03 4.71
N VAL A 254 -6.13 5.69 3.69
CA VAL A 254 -4.76 5.26 3.94
C VAL A 254 -3.94 6.39 4.57
N LEU A 255 -3.98 7.58 3.95
CA LEU A 255 -3.18 8.67 4.50
C LEU A 255 -3.62 9.03 5.91
N GLY A 256 -4.91 8.85 6.22
CA GLY A 256 -5.40 9.20 7.55
C GLY A 256 -4.80 8.36 8.66
N HIS A 257 -4.29 7.17 8.33
CA HIS A 257 -3.64 6.29 9.29
C HIS A 257 -2.13 6.50 9.36
N LEU A 258 -1.57 7.41 8.57
CA LEU A 258 -0.13 7.54 8.45
C LEU A 258 0.35 8.91 8.92
N PRO A 259 1.59 9.01 9.39
CA PRO A 259 2.19 10.32 9.62
C PRO A 259 2.42 11.03 8.29
N SER A 260 2.73 12.34 8.38
CA SER A 260 3.00 13.10 7.16
C SER A 260 4.39 12.84 6.61
N ASN A 261 5.29 12.33 7.44
CA ASN A 261 6.68 12.07 7.05
C ASN A 261 7.29 11.17 8.12
N ASN A 262 8.53 10.74 7.88
CA ASN A 262 9.10 9.72 8.77
C ASN A 262 9.54 10.27 10.13
N MET A 263 9.39 11.56 10.37
CA MET A 263 9.70 12.15 11.67
C MET A 263 8.47 12.66 12.39
N GLY A 264 7.34 12.78 11.70
CA GLY A 264 6.17 13.38 12.31
C GLY A 264 5.35 12.38 13.12
N ASP A 265 4.48 12.93 13.97
CA ASP A 265 3.58 12.10 14.76
C ASP A 265 2.47 11.54 13.90
N THR A 266 2.15 10.27 14.09
CA THR A 266 0.95 9.72 13.51
C THR A 266 -0.28 10.24 14.27
N PRO A 267 -1.33 10.67 13.58
CA PRO A 267 -2.51 11.18 14.29
C PRO A 267 -3.11 10.12 15.22
N VAL A 268 -3.54 10.57 16.40
CA VAL A 268 -4.15 9.72 17.40
C VAL A 268 -5.60 10.15 17.57
N PHE A 269 -6.50 9.19 17.53
CA PHE A 269 -7.93 9.46 17.65
C PHE A 269 -8.45 8.94 18.99
N ALA A 270 -9.66 9.36 19.33
CA ALA A 270 -10.30 8.86 20.54
C ALA A 270 -10.56 7.36 20.39
N PRO A 271 -10.39 6.58 21.46
CA PRO A 271 -10.76 5.15 21.38
C PRO A 271 -12.24 4.99 21.09
N THR A 272 -12.56 3.91 20.37
CA THR A 272 -13.92 3.64 19.94
C THR A 272 -14.63 2.61 20.82
N ALA A 273 -13.92 1.89 21.68
CA ALA A 273 -14.55 0.89 22.53
C ALA A 273 -13.90 0.88 23.90
N ALA A 274 -14.71 0.56 24.92
CA ALA A 274 -14.20 0.29 26.25
C ALA A 274 -13.49 -1.07 26.28
N ARG A 275 -12.64 -1.26 27.28
CA ARG A 275 -11.90 -2.52 27.34
C ARG A 275 -12.68 -3.64 28.00
N GLU A 276 -13.86 -3.37 28.57
CA GLU A 276 -14.69 -4.44 29.09
C GLU A 276 -15.08 -5.38 27.96
N LEU A 277 -15.17 -6.68 28.28
CA LEU A 277 -15.46 -7.69 27.28
C LEU A 277 -16.85 -7.47 26.68
N THR A 278 -16.94 -7.67 25.38
CA THR A 278 -18.21 -7.67 24.65
C THR A 278 -18.43 -9.03 23.99
N GLU A 279 -19.59 -9.16 23.34
CA GLU A 279 -19.88 -10.38 22.60
C GLU A 279 -18.88 -10.62 21.47
N ALA A 280 -18.29 -9.55 20.91
CA ALA A 280 -17.32 -9.75 19.84
C ALA A 280 -16.02 -10.31 20.38
N ASP A 281 -15.65 -9.97 21.63
CA ASP A 281 -14.51 -10.63 22.27
C ASP A 281 -14.84 -12.08 22.59
N ARG A 282 -16.02 -12.34 23.16
CA ARG A 282 -16.35 -13.68 23.61
C ARG A 282 -16.48 -14.65 22.44
N ALA A 283 -16.86 -14.13 21.26
CA ALA A 283 -16.95 -14.96 20.06
C ALA A 283 -15.65 -15.68 19.77
N LEU A 284 -14.52 -15.06 20.08
CA LEU A 284 -13.23 -15.68 19.77
C LEU A 284 -13.04 -17.01 20.50
N ASP A 285 -13.71 -17.21 21.64
CA ASP A 285 -13.53 -18.43 22.41
C ASP A 285 -14.03 -19.68 21.67
N THR A 286 -15.01 -19.54 20.78
CA THR A 286 -15.52 -20.68 20.04
C THR A 286 -15.17 -20.63 18.56
N LEU A 287 -14.27 -19.71 18.17
CA LEU A 287 -13.94 -19.54 16.77
C LEU A 287 -13.12 -20.71 16.22
N ILE A 288 -12.17 -21.24 17.00
CA ILE A 288 -11.32 -22.31 16.48
C ILE A 288 -12.11 -23.61 16.31
N PRO A 289 -12.14 -24.19 15.10
CA PRO A 289 -12.89 -25.44 14.89
C PRO A 289 -12.33 -26.60 15.69
N ASP A 290 -13.24 -27.51 16.10
CA ASP A 290 -12.83 -28.77 16.70
C ASP A 290 -12.07 -29.64 15.70
N ARG A 291 -12.50 -29.63 14.43
CA ARG A 291 -11.90 -30.48 13.41
C ARG A 291 -10.60 -29.89 12.89
N THR A 292 -9.58 -30.75 12.78
CA THR A 292 -8.27 -30.34 12.26
C THR A 292 -8.39 -29.64 10.92
N ALA A 293 -9.13 -30.24 9.98
CA ALA A 293 -9.14 -29.79 8.60
C ALA A 293 -10.03 -28.58 8.35
N GLU A 294 -10.82 -28.15 9.34
CA GLU A 294 -11.79 -27.09 9.11
C GLU A 294 -11.12 -25.72 9.23
N SER A 295 -11.44 -24.82 8.29
CA SER A 295 -10.92 -23.46 8.29
C SER A 295 -11.88 -22.49 8.97
N TYR A 296 -11.36 -21.31 9.26
CA TYR A 296 -12.16 -20.15 9.63
C TYR A 296 -11.60 -18.95 8.88
N ASP A 297 -12.40 -17.89 8.78
CA ASP A 297 -11.99 -16.63 8.17
C ASP A 297 -11.18 -15.82 9.17
N MET A 298 -9.88 -15.62 8.90
CA MET A 298 -9.03 -14.87 9.83
C MET A 298 -9.48 -13.42 9.99
N MET A 299 -10.23 -12.86 9.02
CA MET A 299 -10.76 -11.52 9.23
C MET A 299 -11.69 -11.45 10.43
N ARG A 300 -12.30 -12.57 10.85
CA ARG A 300 -13.16 -12.51 12.01
C ARG A 300 -12.37 -12.31 13.29
N VAL A 301 -11.10 -12.73 13.31
CA VAL A 301 -10.23 -12.43 14.44
C VAL A 301 -9.74 -10.99 14.35
N VAL A 302 -9.20 -10.62 13.19
CA VAL A 302 -8.65 -9.28 13.00
C VAL A 302 -9.70 -8.22 13.34
N ASN A 303 -10.91 -8.36 12.80
CA ASN A 303 -11.93 -7.33 12.99
C ASN A 303 -12.39 -7.25 14.44
N ALA A 304 -12.28 -8.34 15.20
CA ALA A 304 -12.65 -8.30 16.61
C ALA A 304 -11.68 -7.45 17.41
N VAL A 305 -10.42 -7.37 16.99
CA VAL A 305 -9.40 -6.68 17.76
C VAL A 305 -9.32 -5.19 17.44
N ILE A 306 -9.50 -4.82 16.17
CA ILE A 306 -9.23 -3.44 15.73
C ILE A 306 -10.45 -2.56 15.91
N ASP A 307 -10.19 -1.26 16.04
CA ASP A 307 -11.24 -0.27 16.25
C ASP A 307 -12.25 -0.32 15.09
N ASP A 308 -13.54 -0.35 15.45
CA ASP A 308 -14.63 -0.32 14.49
C ASP A 308 -14.64 -1.52 13.53
N GLY A 309 -13.82 -2.53 13.78
CA GLY A 309 -13.74 -3.66 12.86
C GLY A 309 -13.34 -3.28 11.45
N GLU A 310 -12.54 -2.23 11.29
CA GLU A 310 -12.25 -1.65 9.97
C GLU A 310 -10.78 -1.81 9.64
N LEU A 311 -10.47 -2.73 8.72
CA LEU A 311 -9.11 -2.90 8.20
C LEU A 311 -9.02 -2.30 6.80
N THR A 312 -8.11 -1.34 6.61
CA THR A 312 -7.87 -0.76 5.29
C THR A 312 -6.76 -1.58 4.65
N GLN A 313 -7.14 -2.53 3.78
CA GLN A 313 -6.17 -3.51 3.31
C GLN A 313 -5.28 -2.95 2.20
N PHE A 314 -4.06 -3.48 2.15
CA PHE A 314 -3.13 -3.34 1.05
C PHE A 314 -3.02 -4.70 0.36
N HIS A 315 -3.04 -4.72 -0.98
CA HIS A 315 -2.85 -5.98 -1.72
C HIS A 315 -3.94 -7.01 -1.41
N GLN A 316 -5.18 -6.54 -1.16
CA GLN A 316 -6.25 -7.45 -0.74
C GLN A 316 -6.43 -8.61 -1.72
N LEU A 317 -6.37 -8.34 -3.03
CA LEU A 317 -6.60 -9.37 -4.03
C LEU A 317 -5.34 -10.15 -4.40
N PHE A 318 -4.17 -9.74 -3.90
CA PHE A 318 -2.90 -10.37 -4.24
C PHE A 318 -2.53 -11.29 -3.08
N ALA A 319 -2.17 -12.53 -3.38
CA ALA A 319 -1.74 -13.50 -2.37
C ALA A 319 -2.68 -13.51 -1.15
N PRO A 320 -3.96 -13.85 -1.35
CA PRO A 320 -4.92 -13.75 -0.24
C PRO A 320 -4.74 -14.81 0.83
N ASN A 321 -3.71 -15.67 0.72
CA ASN A 321 -3.31 -16.51 1.82
C ASN A 321 -2.64 -15.72 2.96
N VAL A 322 -2.38 -14.43 2.77
CA VAL A 322 -2.01 -13.57 3.88
C VAL A 322 -2.79 -12.26 3.76
N ILE A 323 -3.08 -11.67 4.91
CA ILE A 323 -3.81 -10.41 5.03
C ILE A 323 -2.86 -9.32 5.49
N CYS A 324 -2.89 -8.15 4.83
CA CYS A 324 -2.14 -6.98 5.27
C CYS A 324 -3.04 -5.75 5.24
N GLY A 325 -2.92 -4.89 6.25
CA GLY A 325 -3.64 -3.62 6.16
C GLY A 325 -3.42 -2.73 7.37
N LEU A 326 -3.84 -1.47 7.22
CA LEU A 326 -3.79 -0.49 8.30
C LEU A 326 -5.10 -0.46 9.09
N ALA A 327 -4.99 -0.26 10.40
CA ALA A 327 -6.12 -0.19 11.31
C ALA A 327 -5.73 0.69 12.49
N ARG A 328 -6.59 0.73 13.50
CA ARG A 328 -6.25 1.36 14.77
C ARG A 328 -6.63 0.46 15.93
N VAL A 329 -5.87 0.58 17.02
CA VAL A 329 -6.22 -0.02 18.29
C VAL A 329 -6.19 1.09 19.32
N GLU A 330 -7.33 1.35 19.96
CA GLU A 330 -7.47 2.41 20.96
C GLU A 330 -7.01 3.76 20.38
N GLY A 331 -7.33 3.98 19.11
CA GLY A 331 -7.08 5.26 18.47
C GLY A 331 -5.70 5.44 17.88
N HIS A 332 -4.81 4.46 18.02
CA HIS A 332 -3.46 4.52 17.48
C HIS A 332 -3.32 3.58 16.29
N SER A 333 -2.63 4.05 15.24
CA SER A 333 -2.42 3.23 14.05
C SER A 333 -1.63 1.97 14.36
N VAL A 334 -2.01 0.88 13.68
CA VAL A 334 -1.29 -0.39 13.66
C VAL A 334 -1.33 -0.92 12.24
N GLY A 335 -0.33 -1.72 11.87
CA GLY A 335 -0.37 -2.50 10.64
C GLY A 335 -0.55 -3.97 10.98
N VAL A 336 -1.50 -4.62 10.30
CA VAL A 336 -1.86 -6.01 10.60
C VAL A 336 -1.27 -6.92 9.53
N VAL A 337 -0.67 -8.03 9.96
CA VAL A 337 -0.25 -9.12 9.09
C VAL A 337 -0.87 -10.40 9.63
N ALA A 338 -1.57 -11.17 8.79
CA ALA A 338 -2.27 -12.34 9.31
C ALA A 338 -2.38 -13.45 8.28
N ASN A 339 -2.02 -14.68 8.66
CA ASN A 339 -2.27 -15.83 7.80
C ASN A 339 -3.78 -16.04 7.63
N GLN A 340 -4.20 -16.41 6.43
CA GLN A 340 -5.62 -16.60 6.11
C GLN A 340 -5.91 -18.06 5.76
N PRO A 341 -6.47 -18.84 6.69
CA PRO A 341 -6.71 -20.27 6.42
C PRO A 341 -7.61 -20.56 5.24
N THR A 342 -8.42 -19.60 4.79
CA THR A 342 -9.37 -19.87 3.73
C THR A 342 -8.76 -19.83 2.33
N HIS A 343 -7.47 -19.50 2.20
CA HIS A 343 -6.78 -19.49 0.91
C HIS A 343 -5.48 -20.25 1.03
N LEU A 344 -5.31 -21.31 0.23
CA LEU A 344 -4.08 -22.11 0.21
C LEU A 344 -3.72 -22.62 1.60
N ALA A 345 -4.74 -22.89 2.43
CA ALA A 345 -4.60 -23.39 3.80
C ALA A 345 -3.82 -22.44 4.69
N GLY A 346 -3.68 -21.18 4.29
CA GLY A 346 -2.87 -20.25 5.06
C GLY A 346 -1.38 -20.44 4.94
N ALA A 347 -0.95 -21.33 4.04
CA ALA A 347 0.48 -21.55 3.87
C ALA A 347 1.17 -20.32 3.31
N LEU A 348 2.44 -20.15 3.68
CA LEU A 348 3.28 -19.11 3.09
C LEU A 348 3.82 -19.58 1.75
N ASP A 349 3.78 -18.69 0.75
CA ASP A 349 4.40 -18.96 -0.54
C ASP A 349 5.19 -17.73 -0.96
N ILE A 350 5.73 -17.75 -2.19
CA ILE A 350 6.50 -16.62 -2.69
C ILE A 350 5.70 -15.33 -2.62
N ASP A 351 4.49 -15.34 -3.19
CA ASP A 351 3.74 -14.09 -3.32
C ASP A 351 3.34 -13.52 -1.97
N ALA A 352 2.86 -14.37 -1.04
CA ALA A 352 2.48 -13.87 0.27
C ALA A 352 3.69 -13.36 1.04
N SER A 353 4.84 -13.99 0.85
CA SER A 353 6.05 -13.52 1.51
C SER A 353 6.43 -12.12 1.04
N GLU A 354 6.35 -11.87 -0.27
CA GLU A 354 6.71 -10.55 -0.80
C GLU A 354 5.66 -9.51 -0.44
N LYS A 355 4.39 -9.89 -0.43
CA LYS A 355 3.33 -8.98 0.00
C LYS A 355 3.52 -8.53 1.45
N ALA A 356 3.70 -9.49 2.35
CA ALA A 356 3.85 -9.15 3.76
C ALA A 356 5.17 -8.44 4.04
N ALA A 357 6.24 -8.86 3.36
CA ALA A 357 7.55 -8.24 3.59
C ALA A 357 7.49 -6.74 3.32
N ARG A 358 6.98 -6.34 2.16
CA ARG A 358 7.00 -4.92 1.84
C ARG A 358 6.07 -4.14 2.75
N PHE A 359 4.92 -4.72 3.10
CA PHE A 359 4.02 -4.03 4.02
C PHE A 359 4.69 -3.77 5.37
N ILE A 360 5.39 -4.77 5.92
CA ILE A 360 6.08 -4.60 7.19
C ILE A 360 7.14 -3.51 7.10
N ARG A 361 7.94 -3.54 6.03
CA ARG A 361 8.99 -2.52 5.89
C ARG A 361 8.39 -1.12 5.77
N PHE A 362 7.28 -0.99 5.04
CA PHE A 362 6.59 0.30 4.93
C PHE A 362 6.11 0.79 6.29
N CYS A 363 5.42 -0.09 7.04
CA CYS A 363 4.98 0.28 8.38
C CYS A 363 6.17 0.70 9.25
N ASP A 364 7.23 -0.11 9.25
CA ASP A 364 8.37 0.21 10.11
C ASP A 364 8.99 1.56 9.72
N ALA A 365 9.09 1.83 8.42
CA ALA A 365 9.70 3.10 7.99
C ALA A 365 8.92 4.30 8.51
N PHE A 366 7.59 4.16 8.65
CA PHE A 366 6.75 5.28 9.07
C PHE A 366 6.24 5.10 10.50
N HIS A 367 6.98 4.32 11.30
CA HIS A 367 6.79 4.22 12.75
C HIS A 367 5.40 3.69 13.13
N VAL A 368 4.86 2.77 12.33
CA VAL A 368 3.56 2.14 12.60
C VAL A 368 3.82 0.75 13.18
N PRO A 369 3.33 0.46 14.40
CA PRO A 369 3.54 -0.88 14.98
C PRO A 369 2.94 -1.98 14.11
N VAL A 370 3.49 -3.18 14.23
CA VAL A 370 3.03 -4.33 13.44
C VAL A 370 2.43 -5.36 14.37
N LEU A 371 1.18 -5.75 14.08
CA LEU A 371 0.39 -6.73 14.82
C LEU A 371 0.19 -7.94 13.93
N THR A 372 0.67 -9.11 14.36
CA THR A 372 0.66 -10.32 13.55
C THR A 372 -0.26 -11.37 14.17
N PHE A 373 -1.11 -11.98 13.34
CA PHE A 373 -1.93 -13.12 13.76
C PHE A 373 -1.49 -14.37 13.00
N VAL A 374 -1.17 -15.43 13.73
CA VAL A 374 -0.45 -16.58 13.18
C VAL A 374 -1.36 -17.81 13.14
N ASP A 375 -1.49 -18.40 11.96
CA ASP A 375 -2.13 -19.71 11.76
C ASP A 375 -1.53 -20.27 10.48
N VAL A 376 -0.33 -20.84 10.59
CA VAL A 376 0.50 -21.14 9.43
C VAL A 376 0.91 -22.62 9.44
N PRO A 377 0.58 -23.39 8.40
CA PRO A 377 0.98 -24.82 8.38
C PRO A 377 2.43 -25.00 8.00
N GLY A 378 3.06 -23.98 7.45
CA GLY A 378 4.36 -24.12 6.83
C GLY A 378 4.33 -23.43 5.48
N PHE A 379 5.17 -23.88 4.56
CA PHE A 379 5.25 -23.26 3.24
C PHE A 379 4.47 -24.08 2.21
N LEU A 380 4.04 -23.39 1.15
CA LEU A 380 3.26 -24.04 0.10
C LEU A 380 4.13 -25.05 -0.64
N THR A 381 3.60 -26.27 -0.81
CA THR A 381 4.30 -27.32 -1.54
C THR A 381 3.89 -27.32 -3.01
N SER A 382 4.89 -27.22 -3.90
CA SER A 382 4.72 -27.42 -5.34
C SER A 382 6.09 -27.45 -5.99
N MET A 383 6.17 -28.08 -7.18
CA MET A 383 7.45 -28.09 -7.91
C MET A 383 7.90 -26.68 -8.27
N GLU A 384 6.93 -25.80 -8.51
CA GLU A 384 7.21 -24.47 -9.02
C GLU A 384 7.75 -23.51 -7.96
N GLN A 385 7.47 -23.74 -6.68
CA GLN A 385 7.93 -22.80 -5.66
C GLN A 385 9.45 -22.73 -5.59
N GLU A 386 10.12 -23.88 -5.63
CA GLU A 386 11.58 -23.86 -5.61
C GLU A 386 12.14 -23.22 -6.87
N ARG A 387 11.63 -23.64 -8.03
CA ARG A 387 12.08 -23.11 -9.32
C ARG A 387 11.91 -21.60 -9.42
N ASP A 388 10.80 -21.07 -8.91
CA ASP A 388 10.48 -19.67 -9.04
C ASP A 388 11.11 -18.80 -7.95
N GLY A 389 11.86 -19.41 -7.03
CA GLY A 389 12.72 -18.63 -6.13
C GLY A 389 12.32 -18.52 -4.68
N ILE A 390 11.63 -19.51 -4.11
CA ILE A 390 11.15 -19.36 -2.73
C ILE A 390 12.29 -19.10 -1.74
N ILE A 391 13.50 -19.65 -1.98
CA ILE A 391 14.59 -19.42 -1.02
C ILE A 391 14.93 -17.94 -0.94
N ARG A 392 15.23 -17.31 -2.07
CA ARG A 392 15.66 -15.91 -2.01
C ARG A 392 14.48 -14.95 -1.84
N ARG A 393 13.30 -15.33 -2.33
CA ARG A 393 12.15 -14.43 -2.26
C ARG A 393 11.39 -14.56 -0.94
N GLY A 394 11.24 -15.79 -0.43
CA GLY A 394 10.62 -15.95 0.88
C GLY A 394 11.44 -15.34 2.00
N ALA A 395 12.76 -15.24 1.81
CA ALA A 395 13.63 -14.69 2.84
C ALA A 395 13.34 -13.23 3.13
N LYS A 396 12.69 -12.52 2.20
CA LYS A 396 12.35 -11.11 2.41
C LYS A 396 11.45 -10.92 3.64
N LEU A 397 10.56 -11.87 3.90
CA LEU A 397 9.62 -11.72 5.01
C LEU A 397 10.35 -11.80 6.35
N ILE A 398 11.20 -12.80 6.53
CA ILE A 398 11.90 -12.88 7.81
C ILE A 398 12.88 -11.71 7.95
N TYR A 399 13.47 -11.25 6.84
CA TYR A 399 14.31 -10.06 6.91
C TYR A 399 13.53 -8.87 7.43
N ALA A 400 12.33 -8.65 6.89
CA ALA A 400 11.55 -7.47 7.28
C ALA A 400 11.24 -7.45 8.79
N TYR A 401 10.85 -8.59 9.36
CA TYR A 401 10.60 -8.65 10.80
C TYR A 401 11.88 -8.41 11.60
N CYS A 402 12.99 -9.00 11.16
CA CYS A 402 14.26 -8.85 11.88
C CYS A 402 14.77 -7.42 11.84
N GLU A 403 14.46 -6.69 10.76
CA GLU A 403 14.89 -5.32 10.58
C GLU A 403 14.07 -4.34 11.42
N ALA A 404 12.79 -4.66 11.64
CA ALA A 404 11.86 -3.70 12.22
C ALA A 404 12.24 -3.33 13.64
N THR A 405 12.03 -2.04 13.96
CA THR A 405 12.25 -1.51 15.30
C THR A 405 10.99 -0.95 15.93
N VAL A 406 9.88 -0.86 15.20
CA VAL A 406 8.60 -0.45 15.79
C VAL A 406 8.17 -1.47 16.85
N PRO A 407 7.31 -1.07 17.78
CA PRO A 407 6.64 -2.07 18.63
C PRO A 407 5.99 -3.15 17.79
N MET A 408 6.10 -4.40 18.23
CA MET A 408 5.48 -5.51 17.51
C MET A 408 4.85 -6.47 18.51
N VAL A 409 3.63 -6.91 18.17
CA VAL A 409 2.85 -7.85 18.99
C VAL A 409 2.39 -8.97 18.07
N THR A 410 2.58 -10.21 18.49
CA THR A 410 2.20 -11.38 17.69
C THR A 410 1.27 -12.26 18.51
N VAL A 411 0.20 -12.75 17.86
CA VAL A 411 -0.82 -13.60 18.51
C VAL A 411 -0.94 -14.87 17.68
N ILE A 412 -0.62 -16.02 18.29
CA ILE A 412 -0.79 -17.31 17.61
C ILE A 412 -2.19 -17.84 17.95
N THR A 413 -3.06 -17.91 16.94
CA THR A 413 -4.41 -18.45 17.17
C THR A 413 -4.45 -19.96 17.00
N ARG A 414 -3.68 -20.51 16.07
CA ARG A 414 -3.72 -21.96 15.86
C ARG A 414 -2.37 -22.47 15.36
N LYS A 415 -2.26 -22.83 14.07
CA LYS A 415 -1.06 -23.55 13.62
C LYS A 415 0.18 -22.66 13.63
N ALA A 416 1.30 -23.26 14.05
CA ALA A 416 2.61 -22.58 13.94
C ALA A 416 3.65 -23.70 13.81
N TYR A 417 3.73 -24.26 12.61
CA TYR A 417 4.50 -25.47 12.37
C TYR A 417 5.77 -25.17 11.58
N GLY A 418 6.85 -25.85 11.98
CA GLY A 418 8.07 -25.83 11.18
C GLY A 418 8.62 -24.44 11.02
N GLY A 419 9.08 -24.14 9.80
CA GLY A 419 9.62 -22.83 9.50
C GLY A 419 8.59 -21.73 9.57
N GLY A 420 7.30 -22.08 9.51
CA GLY A 420 6.26 -21.06 9.64
C GLY A 420 6.26 -20.39 11.00
N TYR A 421 6.47 -21.16 12.07
CA TYR A 421 6.55 -20.58 13.40
C TYR A 421 7.60 -19.47 13.47
N GLY A 422 8.81 -19.76 13.02
CA GLY A 422 9.89 -18.78 13.18
C GLY A 422 9.71 -17.55 12.34
N VAL A 423 9.22 -17.72 11.11
CA VAL A 423 9.08 -16.62 10.15
C VAL A 423 7.96 -15.66 10.54
N MET A 424 6.87 -16.17 11.15
CA MET A 424 5.68 -15.35 11.38
C MET A 424 5.79 -14.56 12.68
N GLY A 425 6.70 -13.59 12.69
CA GLY A 425 6.75 -12.66 13.83
C GLY A 425 7.10 -13.29 15.16
N SER A 426 7.97 -14.30 15.15
CA SER A 426 8.32 -14.96 16.40
C SER A 426 9.23 -14.08 17.26
N LYS A 427 9.30 -14.42 18.55
CA LYS A 427 10.11 -13.63 19.47
C LYS A 427 11.57 -13.60 19.03
N HIS A 428 12.02 -14.66 18.37
CA HIS A 428 13.41 -14.83 17.95
C HIS A 428 13.83 -13.82 16.89
N LEU A 429 12.87 -13.17 16.22
CA LEU A 429 13.19 -12.13 15.25
C LEU A 429 13.26 -10.75 15.87
N GLY A 430 12.95 -10.63 17.16
CA GLY A 430 12.89 -9.34 17.82
C GLY A 430 11.50 -8.84 18.15
N ILE A 431 10.45 -9.63 17.94
CA ILE A 431 9.11 -9.17 18.29
C ILE A 431 9.00 -9.05 19.80
N ASP A 432 8.33 -7.98 20.27
CA ASP A 432 8.35 -7.64 21.69
C ASP A 432 7.45 -8.54 22.52
N VAL A 433 6.20 -8.71 22.10
CA VAL A 433 5.22 -9.45 22.89
C VAL A 433 4.63 -10.54 22.00
N ASN A 434 4.66 -11.78 22.50
CA ASN A 434 4.20 -12.95 21.76
C ASN A 434 3.18 -13.67 22.63
N LEU A 435 1.92 -13.67 22.18
CA LEU A 435 0.82 -14.28 22.91
C LEU A 435 0.35 -15.52 22.16
N ALA A 436 -0.10 -16.53 22.90
CA ALA A 436 -0.65 -17.74 22.30
C ALA A 436 -2.02 -18.02 22.87
N TRP A 437 -2.99 -18.30 21.99
CA TRP A 437 -4.24 -18.93 22.44
C TRP A 437 -3.99 -20.35 22.93
N PRO A 438 -4.91 -20.93 23.72
CA PRO A 438 -4.74 -22.33 24.14
C PRO A 438 -4.76 -23.29 22.98
N THR A 439 -5.38 -22.87 21.86
CA THR A 439 -5.49 -23.57 20.60
C THR A 439 -4.23 -23.47 19.75
N ALA A 440 -3.20 -22.75 20.19
CA ALA A 440 -1.96 -22.69 19.43
C ALA A 440 -1.35 -24.08 19.31
N GLU A 441 -0.86 -24.40 18.13
CA GLU A 441 -0.26 -25.70 17.81
C GLU A 441 1.17 -25.42 17.37
N ILE A 442 2.10 -25.40 18.31
CA ILE A 442 3.48 -25.03 18.04
C ILE A 442 4.32 -26.30 18.06
N ALA A 443 4.96 -26.62 16.94
CA ALA A 443 5.70 -27.87 16.82
C ALA A 443 6.54 -27.85 15.56
N VAL A 444 7.58 -28.69 15.55
CA VAL A 444 8.38 -28.84 14.35
C VAL A 444 7.55 -29.40 13.21
N MET A 445 6.64 -30.34 13.51
CA MET A 445 5.76 -30.86 12.49
C MET A 445 4.41 -31.20 13.11
N GLY A 446 3.38 -31.20 12.25
CA GLY A 446 2.04 -31.54 12.68
C GLY A 446 1.82 -33.04 12.76
N GLY A 447 0.60 -33.41 13.16
CA GLY A 447 0.29 -34.82 13.38
C GLY A 447 0.29 -35.64 12.11
N GLU A 448 -0.20 -35.06 11.01
CA GLU A 448 -0.23 -35.79 9.74
C GLU A 448 1.17 -36.23 9.32
N SER A 449 2.18 -35.41 9.61
CA SER A 449 3.54 -35.77 9.22
C SER A 449 4.22 -36.67 10.24
N ALA A 450 3.78 -36.64 11.50
CA ALA A 450 4.46 -37.37 12.57
C ALA A 450 4.04 -38.82 12.68
N VAL A 451 3.18 -39.33 11.79
CA VAL A 451 2.76 -40.73 11.88
C VAL A 451 3.88 -41.66 11.47
N ARG A 452 4.33 -41.55 10.22
CA ARG A 452 5.34 -42.44 9.68
C ARG A 452 6.17 -41.70 8.62
N GLU A 466 -10.62 -49.83 10.34
CA GLU A 466 -10.07 -49.26 11.57
C GLU A 466 -8.62 -48.89 11.39
N GLU A 467 -7.98 -49.44 10.36
CA GLU A 467 -6.60 -49.08 10.06
C GLU A 467 -6.49 -47.58 9.77
N THR A 468 -7.30 -47.08 8.84
CA THR A 468 -7.42 -45.65 8.63
C THR A 468 -8.04 -45.00 9.87
N ARG A 469 -7.35 -44.01 10.42
CA ARG A 469 -7.88 -43.39 11.63
C ARG A 469 -7.12 -42.12 11.96
N GLU A 470 -7.85 -41.10 12.40
CA GLU A 470 -7.32 -39.82 12.80
C GLU A 470 -6.98 -39.76 14.29
N ARG A 471 -7.16 -40.85 15.04
CA ARG A 471 -7.03 -40.76 16.48
C ARG A 471 -5.59 -40.56 16.92
N LEU A 472 -4.65 -41.28 16.29
CA LEU A 472 -3.25 -41.13 16.69
C LEU A 472 -2.70 -39.76 16.33
N VAL A 473 -3.13 -39.19 15.18
CA VAL A 473 -2.70 -37.83 14.87
C VAL A 473 -3.39 -36.84 15.79
N SER A 474 -4.68 -37.04 16.06
CA SER A 474 -5.39 -36.16 16.98
C SER A 474 -4.77 -36.22 18.37
N GLU A 475 -4.40 -37.42 18.82
CA GLU A 475 -3.69 -37.53 20.08
C GLU A 475 -2.33 -36.87 20.02
N TYR A 476 -1.69 -36.86 18.84
CA TYR A 476 -0.41 -36.17 18.71
C TYR A 476 -0.61 -34.66 18.72
N THR A 477 -1.62 -34.16 18.03
CA THR A 477 -1.87 -32.72 18.02
C THR A 477 -2.17 -32.22 19.43
N GLU A 478 -3.10 -32.88 20.13
CA GLU A 478 -3.15 -32.63 21.55
C GLU A 478 -1.88 -33.26 22.16
N THR A 479 -1.51 -32.84 23.36
CA THR A 479 -0.26 -33.30 23.97
C THR A 479 1.02 -32.76 23.30
N MET A 480 1.20 -32.89 21.98
CA MET A 480 2.46 -32.47 21.36
C MET A 480 2.42 -31.15 20.60
N CYS A 481 1.25 -30.66 20.20
CA CYS A 481 1.16 -29.42 19.42
C CYS A 481 0.33 -28.43 20.23
N THR A 482 0.96 -27.84 21.24
CA THR A 482 0.31 -26.98 22.21
C THR A 482 1.15 -25.71 22.36
N PRO A 483 0.67 -24.72 23.12
CA PRO A 483 1.51 -23.54 23.36
C PRO A 483 2.48 -23.70 24.52
N TYR A 484 2.46 -24.83 25.25
CA TYR A 484 3.02 -24.79 26.60
C TYR A 484 4.53 -25.00 26.63
N VAL A 485 5.12 -25.71 25.67
CA VAL A 485 6.59 -25.77 25.61
C VAL A 485 7.16 -24.39 25.32
N ALA A 486 6.59 -23.70 24.33
CA ALA A 486 7.01 -22.32 24.06
C ALA A 486 6.84 -21.43 25.29
N ALA A 487 5.74 -21.62 26.03
CA ALA A 487 5.52 -20.80 27.21
C ALA A 487 6.53 -21.13 28.32
N GLU A 488 6.85 -22.41 28.47
CA GLU A 488 7.85 -22.81 29.48
C GLU A 488 9.20 -22.16 29.21
N ARG A 489 9.54 -21.95 27.95
CA ARG A 489 10.83 -21.38 27.54
C ARG A 489 10.78 -19.86 27.40
N GLY A 490 9.64 -19.24 27.66
CA GLY A 490 9.52 -17.80 27.49
C GLY A 490 9.45 -17.35 26.04
N TYR A 491 9.31 -18.27 25.09
CA TYR A 491 9.18 -17.90 23.68
C TYR A 491 7.85 -17.22 23.42
N VAL A 492 6.81 -17.58 24.17
CA VAL A 492 5.62 -16.76 24.28
C VAL A 492 5.55 -16.21 25.71
N ASP A 493 5.14 -14.96 25.81
CA ASP A 493 5.06 -14.25 27.08
C ASP A 493 3.87 -14.68 27.92
N ALA A 494 2.80 -15.14 27.29
CA ALA A 494 1.59 -15.52 28.00
C ALA A 494 0.76 -16.41 27.09
N VAL A 495 0.04 -17.34 27.71
CA VAL A 495 -1.04 -18.08 27.06
C VAL A 495 -2.33 -17.43 27.52
N ILE A 496 -3.15 -16.99 26.57
CA ILE A 496 -4.33 -16.18 26.89
C ILE A 496 -5.58 -16.90 26.41
N MET A 497 -6.70 -16.63 27.08
CA MET A 497 -7.98 -17.02 26.51
C MET A 497 -8.23 -16.21 25.24
N PRO A 498 -8.84 -16.81 24.19
CA PRO A 498 -9.07 -16.02 22.97
C PRO A 498 -9.80 -14.70 23.24
N HIS A 499 -10.77 -14.68 24.17
CA HIS A 499 -11.51 -13.45 24.41
C HIS A 499 -10.65 -12.33 25.02
N GLU A 500 -9.47 -12.66 25.55
CA GLU A 500 -8.56 -11.67 26.11
C GLU A 500 -7.74 -10.94 25.05
N THR A 501 -7.86 -11.32 23.77
CA THR A 501 -6.93 -10.82 22.75
C THR A 501 -6.95 -9.30 22.64
N ARG A 502 -8.14 -8.69 22.55
CA ARG A 502 -8.21 -7.24 22.31
C ARG A 502 -7.55 -6.46 23.45
N ALA A 503 -7.91 -6.77 24.69
CA ALA A 503 -7.32 -6.06 25.84
C ALA A 503 -5.83 -6.30 25.95
N GLN A 504 -5.38 -7.55 25.71
CA GLN A 504 -3.96 -7.85 25.83
C GLN A 504 -3.15 -7.19 24.73
N VAL A 505 -3.68 -7.13 23.50
CA VAL A 505 -3.00 -6.40 22.43
C VAL A 505 -2.92 -4.92 22.76
N ALA A 506 -4.04 -4.32 23.18
CA ALA A 506 -4.04 -2.89 23.50
C ALA A 506 -3.08 -2.58 24.64
N THR A 507 -3.07 -3.44 25.68
CA THR A 507 -2.15 -3.24 26.80
C THR A 507 -0.70 -3.31 26.35
N ALA A 508 -0.37 -4.29 25.51
CA ALA A 508 1.02 -4.42 25.06
C ALA A 508 1.44 -3.23 24.21
N LEU A 509 0.56 -2.76 23.31
CA LEU A 509 0.94 -1.63 22.47
C LEU A 509 1.17 -0.37 23.30
N ASP A 510 0.36 -0.16 24.34
CA ASP A 510 0.59 0.98 25.22
C ASP A 510 1.92 0.84 25.98
N THR A 511 2.19 -0.35 26.51
CA THR A 511 3.44 -0.56 27.24
C THR A 511 4.67 -0.35 26.35
N LEU A 512 4.56 -0.69 25.07
CA LEU A 512 5.68 -0.63 24.13
C LEU A 512 5.78 0.69 23.40
N ARG A 513 4.86 1.63 23.64
CA ARG A 513 4.73 2.82 22.81
C ARG A 513 6.06 3.53 22.59
N ASP A 514 6.85 3.68 23.66
CA ASP A 514 8.10 4.46 23.60
C ASP A 514 9.32 3.59 23.33
N LYS A 515 9.14 2.38 22.80
CA LYS A 515 10.27 1.54 22.43
C LYS A 515 11.29 2.31 21.58
N ARG A 516 12.56 2.22 21.97
CA ARG A 516 13.65 2.83 21.22
C ARG A 516 14.71 1.78 20.96
N MET A 517 14.94 1.50 19.68
CA MET A 517 15.90 0.51 19.21
C MET A 517 16.42 1.07 17.89
N THR A 518 17.73 0.98 17.69
CA THR A 518 18.37 1.45 16.45
C THR A 518 19.24 0.34 15.90
N ARG A 519 19.24 0.19 14.57
CA ARG A 519 20.12 -0.78 13.93
C ARG A 519 21.56 -0.27 13.95
N LEU A 520 22.50 -1.21 13.83
CA LEU A 520 23.90 -0.85 13.68
C LEU A 520 24.08 0.03 12.45
N PRO A 521 24.96 1.03 12.50
CA PRO A 521 25.03 2.01 11.42
C PRO A 521 25.49 1.40 10.10
N ARG A 522 24.84 1.82 9.02
CA ARG A 522 25.20 1.34 7.68
C ARG A 522 24.65 2.33 6.66
N LYS A 523 25.23 2.32 5.46
CA LYS A 523 24.63 3.09 4.38
C LYS A 523 23.23 2.60 4.10
N HIS A 524 23.08 1.29 4.02
CA HIS A 524 21.81 0.60 3.86
C HIS A 524 22.11 -0.89 4.00
N GLY A 525 21.07 -1.70 4.01
CA GLY A 525 21.22 -3.13 4.07
C GLY A 525 21.33 -3.74 2.68
N ASN A 526 21.32 -5.08 2.66
CA ASN A 526 21.40 -5.83 1.40
C ASN A 526 20.34 -6.94 1.39
N ILE A 527 19.09 -6.55 1.57
CA ILE A 527 17.96 -7.48 1.59
C ILE A 527 17.98 -8.34 0.33
N PRO A 528 17.64 -9.63 0.42
CA PRO A 528 17.53 -10.43 -0.80
C PRO A 528 16.50 -9.84 -1.74
N LEU A 529 16.79 -9.88 -3.03
CA LEU A 529 15.86 -9.33 -4.01
C LEU A 529 15.36 -10.42 -4.95
#